data_6CKP
#
_entry.id   6CKP
#
_cell.length_a   40.240
_cell.length_b   40.240
_cell.length_c   63.820
_cell.angle_alpha   90.000
_cell.angle_beta   90.000
_cell.angle_gamma   90.000
#
_symmetry.space_group_name_H-M   'P 41'
#
loop_
_entity.id
_entity.type
_entity.pdbx_description
1 polymer Thioredoxin
2 water water
#
_entity_poly.entity_id   1
_entity_poly.type   'polypeptide(L)'
_entity_poly.pdbx_seq_one_letter_code
;MAHHHHHHMGTLEAQTQGPGSMATVKVDNSNFQSDVLQSSEPVVVDFWAEWCGPCKTIAPALDEIAAEMAGQVKIAKVNI
DENPELAAQFGVRSIPTLLMFKDGELAANMVGAAPKSRLADWIKASAA
;
_entity_poly.pdbx_strand_id   A
#
# COMPACT_ATOMS: atom_id res chain seq x y z
N GLY A 10 33.22 2.15 -11.28
CA GLY A 10 31.78 1.97 -11.17
C GLY A 10 31.03 3.13 -10.51
N THR A 11 29.92 2.81 -9.83
CA THR A 11 29.05 3.80 -9.22
C THR A 11 28.26 3.20 -8.07
N LEU A 12 27.90 4.05 -7.10
CA LEU A 12 27.25 3.58 -5.88
C LEU A 12 25.74 3.41 -6.08
N GLU A 13 25.13 2.74 -5.12
CA GLU A 13 23.69 2.51 -5.12
C GLU A 13 23.02 3.44 -4.11
N ALA A 14 21.88 4.03 -4.50
CA ALA A 14 21.05 4.74 -3.54
C ALA A 14 20.60 3.79 -2.44
N GLN A 15 20.45 4.33 -1.23
CA GLN A 15 20.00 3.55 -0.09
C GLN A 15 18.50 3.59 0.13
N THR A 16 17.79 4.48 -0.53
CA THR A 16 16.36 4.67 -0.35
C THR A 16 15.70 4.70 -1.71
N GLN A 17 14.37 4.82 -1.70
CA GLN A 17 13.60 4.98 -2.93
C GLN A 17 13.57 6.43 -3.41
N GLY A 18 14.33 7.32 -2.78
CA GLY A 18 14.37 8.68 -3.21
C GLY A 18 13.30 9.51 -2.52
N PRO A 19 13.28 10.80 -2.81
CA PRO A 19 12.33 11.70 -2.14
C PRO A 19 10.90 11.18 -2.24
N GLY A 20 10.16 11.20 -1.11
N GLY A 20 10.20 11.28 -1.12
CA GLY A 20 8.77 10.74 -1.10
CA GLY A 20 8.94 10.65 -0.96
C GLY A 20 8.06 10.61 0.25
C GLY A 20 8.91 10.07 0.43
N SER A 21 7.84 9.38 0.72
CA SER A 21 7.56 8.99 2.09
C SER A 21 8.56 7.95 2.55
N MET A 22 9.23 8.21 3.67
CA MET A 22 10.03 7.19 4.33
C MET A 22 9.19 6.25 5.19
N ALA A 23 7.89 6.49 5.30
CA ALA A 23 7.01 5.63 6.09
C ALA A 23 6.44 4.48 5.24
N THR A 24 6.06 4.77 4.00
CA THR A 24 5.49 3.77 3.12
C THR A 24 6.52 3.31 2.09
N VAL A 25 6.23 2.19 1.43
CA VAL A 25 7.09 1.66 0.39
C VAL A 25 6.41 1.78 -0.97
N LYS A 26 7.13 2.31 -1.93
CA LYS A 26 6.61 2.39 -3.29
CA LYS A 26 6.60 2.40 -3.29
C LYS A 26 6.77 1.04 -3.95
N VAL A 27 5.70 0.54 -4.56
CA VAL A 27 5.70 -0.78 -5.17
C VAL A 27 5.31 -0.70 -6.62
N ASP A 28 6.06 -1.43 -7.43
CA ASP A 28 5.75 -1.64 -8.84
C ASP A 28 6.06 -3.11 -9.14
N ASN A 29 6.18 -3.45 -10.42
CA ASN A 29 6.41 -4.84 -10.75
C ASN A 29 7.78 -5.34 -10.29
N SER A 30 8.73 -4.43 -10.06
CA SER A 30 10.06 -4.86 -9.65
C SER A 30 10.07 -5.38 -8.21
N ASN A 31 9.14 -4.93 -7.35
CA ASN A 31 9.18 -5.35 -5.95
C ASN A 31 7.82 -5.79 -5.41
N PHE A 32 6.82 -5.98 -6.25
CA PHE A 32 5.55 -6.42 -5.70
C PHE A 32 5.70 -7.80 -5.08
N GLN A 33 6.41 -8.71 -5.74
CA GLN A 33 6.60 -10.02 -5.14
C GLN A 33 7.44 -9.94 -3.88
N SER A 34 8.61 -9.29 -3.93
CA SER A 34 9.50 -9.33 -2.78
C SER A 34 8.96 -8.53 -1.60
N ASP A 35 8.31 -7.38 -1.87
CA ASP A 35 7.92 -6.50 -0.77
C ASP A 35 6.47 -6.66 -0.36
N VAL A 36 5.61 -7.24 -1.20
CA VAL A 36 4.21 -7.48 -0.84
C VAL A 36 3.93 -8.96 -0.63
N LEU A 37 4.08 -9.77 -1.68
CA LEU A 37 3.65 -11.16 -1.59
C LEU A 37 4.54 -11.97 -0.64
N GLN A 38 5.84 -11.65 -0.58
CA GLN A 38 6.78 -12.42 0.23
C GLN A 38 7.06 -11.76 1.57
N SER A 39 6.31 -10.72 1.90
CA SER A 39 6.54 -10.02 3.15
C SER A 39 6.15 -10.88 4.34
N SER A 40 6.95 -10.82 5.41
CA SER A 40 6.56 -11.50 6.63
CA SER A 40 6.57 -11.50 6.65
CA SER A 40 6.57 -11.50 6.64
C SER A 40 5.40 -10.79 7.34
N GLU A 41 5.43 -9.44 7.40
CA GLU A 41 4.33 -8.69 8.00
C GLU A 41 3.16 -8.62 7.02
N PRO A 42 1.93 -8.49 7.51
CA PRO A 42 0.84 -8.12 6.60
C PRO A 42 1.18 -6.83 5.88
N VAL A 43 0.67 -6.69 4.65
CA VAL A 43 0.94 -5.52 3.83
C VAL A 43 -0.38 -4.95 3.33
N VAL A 44 -0.58 -3.65 3.59
CA VAL A 44 -1.69 -2.91 3.02
C VAL A 44 -1.18 -2.19 1.78
N VAL A 45 -1.84 -2.41 0.64
CA VAL A 45 -1.46 -1.75 -0.60
C VAL A 45 -2.53 -0.70 -0.91
N ASP A 46 -2.09 0.55 -0.98
CA ASP A 46 -2.94 1.67 -1.34
C ASP A 46 -2.78 1.92 -2.84
N PHE A 47 -3.88 1.76 -3.59
CA PHE A 47 -3.87 2.02 -5.03
C PHE A 47 -4.34 3.45 -5.21
N TRP A 48 -3.51 4.27 -5.86
CA TRP A 48 -3.72 5.71 -5.91
C TRP A 48 -3.31 6.24 -7.27
N ALA A 49 -3.58 7.52 -7.48
CA ALA A 49 -3.09 8.21 -8.67
C ALA A 49 -3.07 9.70 -8.34
N GLU A 50 -2.26 10.46 -9.08
CA GLU A 50 -2.11 11.88 -8.77
C GLU A 50 -3.43 12.64 -8.90
N TRP A 51 -4.30 12.19 -9.80
CA TRP A 51 -5.54 12.87 -10.11
C TRP A 51 -6.67 12.46 -9.17
N CYS A 52 -6.40 11.61 -8.18
CA CYS A 52 -7.43 11.12 -7.27
C CYS A 52 -7.43 12.02 -6.04
N GLY A 53 -8.33 12.99 -6.01
CA GLY A 53 -8.44 13.89 -4.89
C GLY A 53 -8.75 13.18 -3.59
N PRO A 54 -9.72 12.25 -3.60
CA PRO A 54 -10.02 11.53 -2.36
C PRO A 54 -8.83 10.73 -1.86
N CYS A 55 -8.05 10.14 -2.75
CA CYS A 55 -6.86 9.42 -2.33
C CYS A 55 -5.92 10.36 -1.58
N LYS A 56 -5.73 11.58 -2.10
CA LYS A 56 -4.82 12.50 -1.45
C LYS A 56 -5.28 12.85 -0.04
N THR A 57 -6.58 12.85 0.20
CA THR A 57 -7.06 13.22 1.54
C THR A 57 -6.73 12.17 2.59
N ILE A 58 -6.40 10.93 2.20
CA ILE A 58 -6.03 9.87 3.15
C ILE A 58 -4.54 9.58 3.17
N ALA A 59 -3.76 10.14 2.25
CA ALA A 59 -2.36 9.77 2.18
C ALA A 59 -1.61 10.09 3.46
N PRO A 60 -1.83 11.25 4.11
CA PRO A 60 -1.12 11.50 5.37
C PRO A 60 -1.49 10.52 6.47
N ALA A 61 -2.77 10.14 6.57
CA ALA A 61 -3.18 9.14 7.56
C ALA A 61 -2.43 7.83 7.34
N LEU A 62 -2.30 7.41 6.08
CA LEU A 62 -1.59 6.16 5.79
C LEU A 62 -0.12 6.26 6.18
N ASP A 63 0.51 7.41 5.95
CA ASP A 63 1.90 7.58 6.41
C ASP A 63 1.99 7.44 7.93
N GLU A 64 1.05 8.06 8.64
CA GLU A 64 1.08 8.01 10.09
C GLU A 64 0.86 6.59 10.58
N ILE A 65 -0.12 5.88 10.00
CA ILE A 65 -0.34 4.49 10.38
C ILE A 65 0.91 3.67 10.12
N ALA A 66 1.53 3.86 8.96
CA ALA A 66 2.76 3.12 8.65
C ALA A 66 3.83 3.34 9.70
N ALA A 67 4.01 4.58 10.14
CA ALA A 67 5.02 4.86 11.14
C ALA A 67 4.65 4.23 12.49
N GLU A 68 3.39 4.35 12.87
CA GLU A 68 2.94 3.85 14.16
C GLU A 68 2.95 2.32 14.21
N MET A 69 2.66 1.67 13.08
CA MET A 69 2.61 0.21 12.97
C MET A 69 3.92 -0.37 12.48
N ALA A 70 5.03 0.36 12.61
CA ALA A 70 6.34 -0.14 12.18
C ALA A 70 6.60 -1.52 12.76
N GLY A 71 7.04 -2.44 11.89
CA GLY A 71 7.32 -3.80 12.27
C GLY A 71 6.11 -4.69 12.40
N GLN A 72 4.89 -4.14 12.33
CA GLN A 72 3.67 -4.88 12.49
C GLN A 72 2.86 -5.01 11.21
N VAL A 73 2.66 -3.90 10.51
CA VAL A 73 1.94 -3.88 9.23
C VAL A 73 2.68 -2.89 8.36
N LYS A 74 2.98 -3.31 7.15
CA LYS A 74 3.63 -2.47 6.15
C LYS A 74 2.57 -1.81 5.29
N ILE A 75 2.84 -0.57 4.86
CA ILE A 75 1.97 0.17 3.96
CA ILE A 75 1.96 0.11 3.94
C ILE A 75 2.72 0.41 2.66
N ALA A 76 2.18 -0.08 1.55
CA ALA A 76 2.74 0.05 0.22
C ALA A 76 1.86 0.97 -0.62
N LYS A 77 2.48 1.60 -1.61
CA LYS A 77 1.79 2.50 -2.52
C LYS A 77 1.96 2.01 -3.95
N VAL A 78 0.83 1.81 -4.66
CA VAL A 78 0.85 1.41 -6.06
C VAL A 78 0.12 2.48 -6.87
N ASN A 79 0.86 3.17 -7.73
CA ASN A 79 0.28 4.16 -8.60
C ASN A 79 -0.36 3.43 -9.79
N ILE A 80 -1.68 3.56 -9.94
CA ILE A 80 -2.38 2.77 -10.96
C ILE A 80 -2.08 3.21 -12.38
N ASP A 81 -1.68 4.47 -12.58
CA ASP A 81 -1.33 4.91 -13.93
C ASP A 81 -0.01 4.28 -14.37
N GLU A 82 0.88 4.03 -13.42
CA GLU A 82 2.17 3.43 -13.70
C GLU A 82 2.11 1.90 -13.71
N ASN A 83 1.12 1.30 -13.04
CA ASN A 83 0.99 -0.15 -12.89
C ASN A 83 -0.44 -0.57 -13.18
N PRO A 84 -0.95 -0.27 -14.38
CA PRO A 84 -2.37 -0.50 -14.62
C PRO A 84 -2.73 -1.98 -14.70
N GLU A 85 -1.85 -2.83 -15.27
CA GLU A 85 -2.22 -4.26 -15.34
C GLU A 85 -2.25 -4.88 -13.96
N LEU A 86 -1.28 -4.52 -13.11
CA LEU A 86 -1.26 -5.02 -11.74
C LEU A 86 -2.56 -4.65 -11.04
N ALA A 87 -2.99 -3.39 -11.18
CA ALA A 87 -4.25 -2.97 -10.57
C ALA A 87 -5.43 -3.79 -11.12
N ALA A 88 -5.48 -3.95 -12.44
CA ALA A 88 -6.57 -4.70 -13.05
C ALA A 88 -6.57 -6.15 -12.59
N GLN A 89 -5.40 -6.76 -12.48
CA GLN A 89 -5.30 -8.16 -12.04
CA GLN A 89 -5.34 -8.17 -12.07
C GLN A 89 -5.82 -8.36 -10.63
N PHE A 90 -5.75 -7.32 -9.80
CA PHE A 90 -6.19 -7.39 -8.43
C PHE A 90 -7.55 -6.76 -8.24
N GLY A 91 -8.30 -6.60 -9.34
CA GLY A 91 -9.70 -6.20 -9.26
C GLY A 91 -9.93 -4.75 -8.89
N VAL A 92 -8.94 -3.87 -9.08
CA VAL A 92 -9.06 -2.48 -8.68
C VAL A 92 -9.70 -1.71 -9.84
N ARG A 93 -10.98 -1.37 -9.69
N ARG A 93 -11.00 -1.42 -9.72
CA ARG A 93 -11.75 -0.69 -10.74
CA ARG A 93 -11.74 -0.70 -10.75
C ARG A 93 -12.23 0.69 -10.33
C ARG A 93 -11.99 0.76 -10.41
N SER A 94 -11.82 1.16 -9.16
CA SER A 94 -11.96 2.54 -8.73
C SER A 94 -10.94 2.75 -7.62
N ILE A 95 -10.58 4.00 -7.39
CA ILE A 95 -9.69 4.34 -6.28
C ILE A 95 -10.35 5.50 -5.53
N PRO A 96 -10.12 5.66 -4.23
CA PRO A 96 -9.24 4.85 -3.39
C PRO A 96 -9.67 3.40 -3.23
N THR A 97 -8.71 2.49 -3.29
CA THR A 97 -8.91 1.09 -2.89
C THR A 97 -7.67 0.68 -2.12
N LEU A 98 -7.88 0.00 -0.98
CA LEU A 98 -6.82 -0.61 -0.17
CA LEU A 98 -6.80 -0.61 -0.22
C LEU A 98 -7.03 -2.11 -0.18
N LEU A 99 -5.94 -2.86 -0.40
CA LEU A 99 -5.96 -4.31 -0.30
C LEU A 99 -5.00 -4.74 0.80
N MET A 100 -5.35 -5.75 1.56
CA MET A 100 -4.47 -6.37 2.55
CA MET A 100 -4.42 -6.34 2.51
C MET A 100 -4.00 -7.72 2.04
N PHE A 101 -2.68 -7.93 2.01
CA PHE A 101 -2.07 -9.21 1.75
C PHE A 101 -1.44 -9.75 3.03
N LYS A 102 -1.65 -11.04 3.27
CA LYS A 102 -1.06 -11.68 4.43
C LYS A 102 -0.56 -13.04 3.97
N ASP A 103 0.74 -13.28 4.18
CA ASP A 103 1.35 -14.56 3.81
C ASP A 103 1.08 -14.91 2.35
N GLY A 104 1.09 -13.89 1.48
CA GLY A 104 0.92 -14.10 0.06
C GLY A 104 -0.50 -14.27 -0.38
N GLU A 105 -1.47 -14.12 0.52
CA GLU A 105 -2.88 -14.28 0.19
C GLU A 105 -3.57 -12.92 0.23
N LEU A 106 -4.57 -12.75 -0.64
CA LEU A 106 -5.37 -11.53 -0.63
C LEU A 106 -6.44 -11.66 0.45
N ALA A 107 -6.20 -10.96 1.55
CA ALA A 107 -6.98 -11.13 2.77
C ALA A 107 -8.21 -10.24 2.85
N ALA A 108 -8.16 -9.02 2.31
CA ALA A 108 -9.26 -8.08 2.57
C ALA A 108 -9.10 -6.90 1.62
N ASN A 109 -10.20 -6.16 1.43
CA ASN A 109 -10.19 -4.92 0.69
C ASN A 109 -11.10 -3.91 1.34
N MET A 110 -10.87 -2.64 1.00
CA MET A 110 -11.86 -1.61 1.27
C MET A 110 -11.78 -0.55 0.17
N VAL A 111 -12.90 0.12 -0.05
CA VAL A 111 -12.96 1.15 -1.09
C VAL A 111 -13.39 2.47 -0.47
N GLY A 112 -12.94 3.56 -1.08
CA GLY A 112 -13.31 4.87 -0.65
C GLY A 112 -12.37 5.39 0.43
N ALA A 113 -12.32 6.72 0.54
CA ALA A 113 -11.55 7.35 1.60
C ALA A 113 -12.23 7.14 2.96
N ALA A 114 -11.44 7.25 4.03
CA ALA A 114 -11.94 7.18 5.39
C ALA A 114 -10.94 7.88 6.30
N PRO A 115 -11.38 8.35 7.48
CA PRO A 115 -10.42 8.92 8.45
C PRO A 115 -9.42 7.87 8.91
N LYS A 116 -8.30 8.37 9.45
CA LYS A 116 -7.25 7.50 9.99
C LYS A 116 -7.82 6.48 10.96
N SER A 117 -8.70 6.89 11.85
CA SER A 117 -9.22 5.97 12.85
C SER A 117 -9.91 4.79 12.20
N ARG A 118 -10.69 5.04 11.15
CA ARG A 118 -11.40 3.98 10.45
C ARG A 118 -10.46 3.12 9.63
N LEU A 119 -9.46 3.75 8.98
CA LEU A 119 -8.46 2.97 8.26
C LEU A 119 -7.75 2.01 9.22
N ALA A 120 -7.32 2.54 10.37
CA ALA A 120 -6.59 1.74 11.34
C ALA A 120 -7.45 0.60 11.89
N ASP A 121 -8.73 0.87 12.15
CA ASP A 121 -9.63 -0.20 12.59
C ASP A 121 -9.71 -1.30 11.54
N TRP A 122 -9.87 -0.92 10.28
CA TRP A 122 -9.95 -1.90 9.20
C TRP A 122 -8.66 -2.71 9.08
N ILE A 123 -7.51 -2.05 9.20
CA ILE A 123 -6.25 -2.76 9.14
C ILE A 123 -6.16 -3.78 10.26
N LYS A 124 -6.48 -3.35 11.47
CA LYS A 124 -6.37 -4.25 12.61
C LYS A 124 -7.32 -5.43 12.47
N ALA A 125 -8.56 -5.17 12.07
CA ALA A 125 -9.51 -6.27 11.92
C ALA A 125 -9.07 -7.21 10.82
N SER A 126 -8.56 -6.66 9.71
CA SER A 126 -8.19 -7.47 8.57
C SER A 126 -6.99 -8.34 8.86
N ALA A 127 -6.05 -7.86 9.66
CA ALA A 127 -4.87 -8.62 10.02
C ALA A 127 -5.09 -9.64 11.12
N ALA A 128 -6.26 -9.61 11.77
CA ALA A 128 -6.54 -10.46 12.92
C ALA A 128 -6.46 -11.96 12.60
#